data_4PSI
#
_entry.id   4PSI
#
_cell.length_a   49.600
_cell.length_b   81.840
_cell.length_c   83.990
_cell.angle_alpha   90.00
_cell.angle_beta   90.00
_cell.angle_gamma   90.00
#
_symmetry.space_group_name_H-M   'P 21 21 21'
#
loop_
_entity.id
_entity.type
_entity.pdbx_description
1 polymer 'PIH1 domain-containing protein 1'
2 polymer 'Telomere length regulation protein TEL2 homolog'
3 water water
#
loop_
_entity_poly.entity_id
_entity_poly.type
_entity_poly.pdbx_seq_one_letter_code
_entity_poly.pdbx_strand_id
1 'polypeptide(L)'
;AHSAALEVLFQGPGQPGFCIKTNSSEGKVFINICHSPSIPPPADVTEEELLQ(MSE)LEEDQAGFRIP(MSE)SLGEPHA
ELDAKGQGCTAYDVAVNSDFYRR(MSE)QNSDFLRELVITIAREGLEDKYNLQLNPEWR(MSE)(MSE)KNRPF(MSE)G
SI
;
A,B
2 'polypeptide(L)' ALD(SEP)DDEFVPY D,E
#
# COMPACT_ATOMS: atom_id res chain seq x y z
N ALA A 1 -10.07 -15.57 -25.47
CA ALA A 1 -10.95 -16.71 -25.68
C ALA A 1 -10.14 -18.01 -25.65
N HIS A 2 -9.43 -18.24 -24.55
CA HIS A 2 -8.59 -19.42 -24.41
C HIS A 2 -9.06 -20.32 -23.26
N SER A 3 -8.61 -20.03 -22.05
CA SER A 3 -9.03 -20.74 -20.86
C SER A 3 -9.54 -19.70 -19.85
N ALA A 4 -10.02 -20.14 -18.68
CA ALA A 4 -10.61 -19.22 -17.71
C ALA A 4 -10.43 -19.66 -16.26
N ALA A 5 -10.42 -18.68 -15.35
CA ALA A 5 -10.34 -18.92 -13.92
C ALA A 5 -11.72 -19.24 -13.36
N LEU A 6 -11.74 -20.02 -12.29
CA LEU A 6 -12.98 -20.36 -11.61
C LEU A 6 -12.80 -20.12 -10.12
N GLU A 7 -13.50 -19.13 -9.59
CA GLU A 7 -13.28 -18.72 -8.21
C GLU A 7 -13.89 -19.67 -7.19
N VAL A 8 -13.05 -20.20 -6.31
CA VAL A 8 -13.50 -20.99 -5.18
C VAL A 8 -13.21 -20.24 -3.88
N LEU A 9 -13.98 -20.56 -2.85
CA LEU A 9 -13.79 -19.93 -1.54
C LEU A 9 -12.50 -20.44 -0.92
N PHE A 10 -11.81 -19.61 -0.13
CA PHE A 10 -10.60 -20.03 0.58
C PHE A 10 -10.05 -19.06 1.63
N GLN A 11 -9.81 -19.60 2.83
CA GLN A 11 -8.90 -19.02 3.82
C GLN A 11 -7.84 -20.09 4.09
N GLY A 12 -6.56 -19.72 4.12
CA GLY A 12 -6.12 -18.34 4.03
C GLY A 12 -5.55 -17.90 5.37
N PRO A 13 -4.21 -17.86 5.50
CA PRO A 13 -3.16 -18.09 4.49
C PRO A 13 -3.03 -19.53 4.01
N GLY A 14 -2.51 -19.69 2.80
CA GLY A 14 -2.19 -21.00 2.25
C GLY A 14 -0.71 -21.26 2.37
N GLN A 15 0.00 -21.17 1.24
CA GLN A 15 1.46 -21.23 1.21
C GLN A 15 1.97 -20.61 -0.09
N PRO A 16 2.95 -19.70 0.00
CA PRO A 16 3.42 -18.98 -1.18
C PRO A 16 4.16 -19.88 -2.17
N GLY A 17 4.08 -19.51 -3.45
CA GLY A 17 4.82 -20.20 -4.49
C GLY A 17 5.76 -19.23 -5.18
N PHE A 18 5.20 -18.30 -5.95
CA PHE A 18 6.00 -17.24 -6.55
C PHE A 18 5.22 -15.94 -6.70
N CYS A 19 5.92 -14.89 -7.10
CA CYS A 19 5.35 -13.55 -7.17
C CYS A 19 5.47 -12.94 -8.57
N ILE A 20 4.39 -12.35 -9.05
CA ILE A 20 4.37 -11.72 -10.36
C ILE A 20 4.24 -10.21 -10.23
N LYS A 21 5.07 -9.47 -10.96
CA LYS A 21 4.99 -8.02 -10.94
C LYS A 21 4.35 -7.45 -12.20
N THR A 22 3.26 -6.71 -12.01
CA THR A 22 2.60 -6.01 -13.10
C THR A 22 2.09 -4.67 -12.58
N ASN A 23 1.22 -4.02 -13.34
CA ASN A 23 0.73 -2.72 -12.92
C ASN A 23 -0.65 -2.35 -13.48
N SER A 24 -1.28 -1.39 -12.81
CA SER A 24 -2.50 -0.77 -13.33
C SER A 24 -2.12 0.60 -13.86
N SER A 25 -3.13 1.44 -14.07
CA SER A 25 -2.87 2.83 -14.47
C SER A 25 -2.38 3.62 -13.27
N GLU A 26 -2.77 3.17 -12.08
CA GLU A 26 -2.43 3.86 -10.84
C GLU A 26 -1.02 3.53 -10.37
N GLY A 27 -0.70 2.25 -10.22
CA GLY A 27 0.59 1.85 -9.74
C GLY A 27 0.89 0.36 -9.83
N LYS A 28 1.95 -0.07 -9.14
CA LYS A 28 2.41 -1.44 -9.17
C LYS A 28 1.37 -2.41 -8.60
N VAL A 29 1.25 -3.57 -9.23
CA VAL A 29 0.41 -4.63 -8.73
C VAL A 29 1.20 -5.93 -8.66
N PHE A 30 1.13 -6.61 -7.52
CA PHE A 30 1.82 -7.89 -7.37
C PHE A 30 0.82 -9.03 -7.21
N ILE A 31 0.97 -10.05 -8.04
CA ILE A 31 0.14 -11.24 -7.94
C ILE A 31 0.94 -12.36 -7.30
N ASN A 32 0.54 -12.75 -6.10
CA ASN A 32 1.19 -13.84 -5.40
C ASN A 32 0.51 -15.17 -5.70
N ILE A 33 1.17 -15.99 -6.52
CA ILE A 33 0.65 -17.32 -6.80
C ILE A 33 0.96 -18.24 -5.64
N CYS A 34 -0.08 -18.59 -4.88
CA CYS A 34 0.07 -19.46 -3.73
C CYS A 34 -0.58 -20.82 -4.02
N HIS A 35 -0.45 -21.75 -3.09
CA HIS A 35 -1.06 -23.07 -3.27
C HIS A 35 -1.49 -23.72 -1.96
N SER A 36 -2.53 -24.55 -2.03
CA SER A 36 -3.06 -25.25 -0.87
C SER A 36 -3.71 -26.56 -1.30
N PRO A 37 -3.58 -27.60 -0.45
CA PRO A 37 -4.24 -28.90 -0.70
C PRO A 37 -5.76 -28.77 -0.61
N SER A 38 -6.24 -27.79 0.15
CA SER A 38 -7.66 -27.62 0.40
C SER A 38 -8.39 -26.99 -0.79
N ILE A 39 -7.65 -26.68 -1.84
CA ILE A 39 -8.22 -26.12 -3.06
C ILE A 39 -8.21 -27.17 -4.15
N PRO A 40 -9.38 -27.43 -4.76
CA PRO A 40 -9.50 -28.51 -5.76
C PRO A 40 -8.57 -28.30 -6.95
N PRO A 41 -8.04 -29.40 -7.50
CA PRO A 41 -7.30 -29.32 -8.76
C PRO A 41 -8.30 -29.22 -9.90
N PRO A 42 -7.84 -28.85 -11.11
CA PRO A 42 -8.75 -28.84 -12.25
C PRO A 42 -9.36 -30.22 -12.44
N ALA A 43 -10.63 -30.26 -12.84
CA ALA A 43 -11.32 -31.54 -13.05
C ALA A 43 -10.75 -32.25 -14.27
N ASP A 44 -10.66 -33.58 -14.19
CA ASP A 44 -10.19 -34.39 -15.31
C ASP A 44 -11.14 -34.24 -16.49
N VAL A 45 -10.61 -33.90 -17.65
CA VAL A 45 -11.43 -33.61 -18.83
C VAL A 45 -11.68 -34.86 -19.66
N THR A 46 -12.91 -35.04 -20.10
CA THR A 46 -13.25 -36.15 -20.98
C THR A 46 -12.72 -35.89 -22.39
N GLU A 47 -13.06 -34.74 -22.97
CA GLU A 47 -12.58 -34.44 -24.31
C GLU A 47 -11.71 -33.19 -24.29
N PHE A 61 -9.47 -25.29 -20.58
CA PHE A 61 -9.12 -25.59 -19.20
C PHE A 61 -9.72 -24.58 -18.23
N ARG A 62 -10.53 -25.05 -17.29
CA ARG A 62 -11.01 -24.19 -16.22
C ARG A 62 -10.19 -24.44 -14.96
N ILE A 63 -9.45 -23.43 -14.53
CA ILE A 63 -8.59 -23.56 -13.36
C ILE A 63 -9.26 -23.00 -12.12
N PRO A 64 -9.55 -23.87 -11.15
CA PRO A 64 -10.08 -23.42 -9.86
C PRO A 64 -9.03 -22.68 -9.05
N MSE A 65 -9.40 -21.51 -8.54
CA MSE A 65 -8.46 -20.69 -7.76
C MSE A 65 -9.19 -19.64 -6.94
O MSE A 65 -10.20 -19.08 -7.36
CB MSE A 65 -7.46 -20.01 -8.70
CG MSE A 65 -8.08 -19.11 -9.75
SE MSE A 65 -6.78 -18.16 -10.85
CE MSE A 65 -6.05 -19.65 -11.88
N SER A 66 -8.68 -19.39 -5.73
CA SER A 66 -9.20 -18.31 -4.90
C SER A 66 -8.64 -16.99 -5.40
N LEU A 67 -9.44 -15.94 -5.32
CA LEU A 67 -9.00 -14.61 -5.72
C LEU A 67 -9.01 -13.68 -4.52
N GLY A 68 -7.87 -13.60 -3.84
CA GLY A 68 -7.75 -12.85 -2.60
C GLY A 68 -8.05 -11.37 -2.70
N GLU A 69 -8.51 -10.81 -1.59
CA GLU A 69 -8.74 -9.38 -1.48
C GLU A 69 -7.40 -8.65 -1.60
N PRO A 70 -7.41 -7.44 -2.20
CA PRO A 70 -6.19 -6.64 -2.30
C PRO A 70 -5.66 -6.27 -0.92
N HIS A 71 -4.35 -6.27 -0.77
CA HIS A 71 -3.73 -5.76 0.45
C HIS A 71 -2.52 -4.90 0.11
N ALA A 72 -2.48 -3.71 0.69
CA ALA A 72 -1.42 -2.77 0.41
C ALA A 72 -0.11 -3.21 1.06
N GLU A 73 0.98 -3.12 0.31
CA GLU A 73 2.31 -3.43 0.82
C GLU A 73 3.27 -2.34 0.37
N LEU A 74 4.45 -2.31 0.98
CA LEU A 74 5.47 -1.33 0.60
C LEU A 74 6.48 -1.95 -0.36
N ASP A 75 6.80 -1.24 -1.42
CA ASP A 75 7.83 -1.69 -2.34
C ASP A 75 9.21 -1.47 -1.73
N ALA A 76 10.26 -1.72 -2.51
CA ALA A 76 11.63 -1.59 -2.01
C ALA A 76 11.99 -0.14 -1.69
N LYS A 77 11.20 0.80 -2.18
CA LYS A 77 11.47 2.21 -1.96
C LYS A 77 10.59 2.82 -0.87
N GLY A 78 9.83 1.96 -0.19
CA GLY A 78 8.95 2.42 0.87
C GLY A 78 7.68 3.05 0.34
N GLN A 79 7.27 2.64 -0.85
CA GLN A 79 6.08 3.18 -1.49
C GLN A 79 4.97 2.14 -1.52
N GLY A 80 3.75 2.57 -1.28
CA GLY A 80 2.61 1.66 -1.24
C GLY A 80 2.25 1.09 -2.60
N CYS A 81 1.97 -0.20 -2.63
CA CYS A 81 1.54 -0.88 -3.84
C CYS A 81 0.44 -1.86 -3.52
N THR A 82 -0.13 -2.50 -4.53
CA THR A 82 -1.23 -3.44 -4.31
C THR A 82 -0.78 -4.88 -4.58
N ALA A 83 -1.19 -5.79 -3.69
CA ALA A 83 -0.85 -7.20 -3.84
C ALA A 83 -2.09 -8.07 -3.70
N TYR A 84 -2.22 -9.06 -4.58
CA TYR A 84 -3.33 -10.00 -4.53
C TYR A 84 -2.81 -11.42 -4.37
N ASP A 85 -3.42 -12.17 -3.46
CA ASP A 85 -3.03 -13.58 -3.28
C ASP A 85 -3.99 -14.49 -4.04
N VAL A 86 -3.45 -15.20 -5.03
CA VAL A 86 -4.23 -16.16 -5.80
C VAL A 86 -3.74 -17.58 -5.52
N ALA A 87 -4.59 -18.37 -4.87
CA ALA A 87 -4.19 -19.72 -4.46
C ALA A 87 -4.75 -20.80 -5.38
N VAL A 88 -3.92 -21.79 -5.67
CA VAL A 88 -4.26 -22.86 -6.61
C VAL A 88 -3.97 -24.20 -5.94
N ASN A 89 -4.42 -25.32 -6.51
CA ASN A 89 -4.15 -26.62 -5.92
C ASN A 89 -2.65 -26.93 -5.83
N SER A 90 -2.23 -27.48 -4.71
CA SER A 90 -0.82 -27.79 -4.45
C SER A 90 -0.21 -28.75 -5.49
N ASP A 91 -0.94 -29.83 -5.79
CA ASP A 91 -0.48 -30.81 -6.78
C ASP A 91 -0.46 -30.20 -8.18
N PHE A 92 -1.46 -29.38 -8.50
CA PHE A 92 -1.49 -28.66 -9.76
C PHE A 92 -0.34 -27.67 -9.83
N TYR A 93 0.03 -27.12 -8.67
CA TYR A 93 1.14 -26.19 -8.59
C TYR A 93 2.48 -26.87 -8.92
N ARG A 94 2.64 -28.11 -8.48
CA ARG A 94 3.83 -28.89 -8.82
C ARG A 94 3.96 -29.03 -10.33
N ARG A 95 2.83 -29.30 -10.99
CA ARG A 95 2.80 -29.43 -12.44
C ARG A 95 3.13 -28.10 -13.10
N MSE A 96 2.78 -27.01 -12.44
CA MSE A 96 3.08 -25.67 -12.94
C MSE A 96 4.58 -25.39 -12.90
O MSE A 96 5.14 -24.77 -13.80
CB MSE A 96 2.33 -24.61 -12.14
CG MSE A 96 0.85 -24.51 -12.47
SE MSE A 96 -0.07 -23.23 -11.31
CE MSE A 96 1.10 -21.70 -11.55
N GLN A 97 5.24 -25.85 -11.83
CA GLN A 97 6.67 -25.62 -11.64
C GLN A 97 7.50 -26.26 -12.75
N ASN A 98 6.98 -27.35 -13.32
CA ASN A 98 7.72 -28.10 -14.33
C ASN A 98 7.18 -27.87 -15.74
N SER A 99 6.47 -26.75 -15.93
CA SER A 99 5.88 -26.44 -17.23
C SER A 99 5.75 -24.95 -17.43
N ASP A 100 6.62 -24.40 -18.29
CA ASP A 100 6.60 -22.97 -18.60
C ASP A 100 5.28 -22.58 -19.24
N PHE A 101 4.77 -23.44 -20.12
CA PHE A 101 3.51 -23.21 -20.80
C PHE A 101 2.36 -23.16 -19.79
N LEU A 102 2.30 -24.17 -18.93
CA LEU A 102 1.23 -24.26 -17.94
C LEU A 102 1.30 -23.11 -16.95
N ARG A 103 2.51 -22.77 -16.52
CA ARG A 103 2.69 -21.70 -15.55
C ARG A 103 2.26 -20.35 -16.09
N GLU A 104 2.81 -19.96 -17.24
CA GLU A 104 2.49 -18.66 -17.85
C GLU A 104 1.00 -18.51 -18.17
N LEU A 105 0.37 -19.60 -18.60
CA LEU A 105 -1.07 -19.59 -18.83
C LEU A 105 -1.83 -19.27 -17.55
N VAL A 106 -1.50 -19.97 -16.47
CA VAL A 106 -2.15 -19.78 -15.17
C VAL A 106 -1.99 -18.34 -14.68
N ILE A 107 -0.82 -17.75 -14.96
CA ILE A 107 -0.57 -16.35 -14.62
C ILE A 107 -1.60 -15.47 -15.31
N THR A 108 -1.64 -15.58 -16.64
CA THR A 108 -2.60 -14.85 -17.46
C THR A 108 -4.02 -15.09 -16.98
N ILE A 109 -4.34 -16.34 -16.66
CA ILE A 109 -5.65 -16.71 -16.16
C ILE A 109 -5.95 -16.02 -14.83
N ALA A 110 -4.97 -16.02 -13.93
CA ALA A 110 -5.12 -15.38 -12.63
C ALA A 110 -5.30 -13.88 -12.76
N ARG A 111 -4.49 -13.26 -13.61
CA ARG A 111 -4.57 -11.83 -13.85
C ARG A 111 -5.97 -11.43 -14.33
N GLU A 112 -6.48 -12.18 -15.31
CA GLU A 112 -7.79 -11.89 -15.87
C GLU A 112 -8.89 -12.21 -14.86
N GLY A 113 -8.60 -13.10 -13.93
CA GLY A 113 -9.54 -13.39 -12.85
C GLY A 113 -9.67 -12.21 -11.91
N LEU A 114 -8.54 -11.57 -11.63
CA LEU A 114 -8.51 -10.39 -10.77
C LEU A 114 -9.09 -9.16 -11.47
N GLU A 115 -8.84 -9.06 -12.77
CA GLU A 115 -9.39 -7.97 -13.57
C GLU A 115 -10.91 -8.03 -13.55
N ASP A 116 -11.45 -9.24 -13.69
CA ASP A 116 -12.90 -9.45 -13.70
C ASP A 116 -13.52 -9.12 -12.35
N LYS A 117 -12.95 -9.66 -11.28
CA LYS A 117 -13.51 -9.54 -9.95
C LYS A 117 -13.51 -8.11 -9.41
N TYR A 118 -12.41 -7.39 -9.61
CA TYR A 118 -12.23 -6.09 -8.98
C TYR A 118 -12.25 -4.90 -9.93
N ASN A 119 -12.60 -5.16 -11.20
CA ASN A 119 -12.65 -4.10 -12.21
C ASN A 119 -11.32 -3.38 -12.42
N LEU A 120 -10.27 -4.15 -12.70
CA LEU A 120 -8.94 -3.58 -12.88
C LEU A 120 -8.48 -3.69 -14.32
N GLN A 121 -7.53 -2.85 -14.71
CA GLN A 121 -6.86 -2.98 -15.99
C GLN A 121 -5.37 -3.23 -15.77
N LEU A 122 -5.00 -4.50 -15.69
CA LEU A 122 -3.62 -4.89 -15.39
C LEU A 122 -2.79 -5.06 -16.66
N ASN A 123 -1.49 -4.81 -16.54
CA ASN A 123 -0.58 -4.93 -17.66
C ASN A 123 -0.34 -6.39 -18.02
N PRO A 124 -0.64 -6.75 -19.29
CA PRO A 124 -0.36 -8.09 -19.81
C PRO A 124 1.13 -8.43 -19.72
N GLU A 125 1.98 -7.46 -20.07
CA GLU A 125 3.42 -7.66 -20.02
C GLU A 125 3.93 -7.69 -18.58
N TRP A 126 3.73 -8.81 -17.90
CA TRP A 126 4.17 -8.96 -16.52
C TRP A 126 5.63 -9.39 -16.44
N ARG A 127 6.20 -9.31 -15.24
CA ARG A 127 7.58 -9.75 -15.00
C ARG A 127 7.64 -10.66 -13.79
N MSE A 128 8.46 -11.69 -13.87
CA MSE A 128 8.57 -12.68 -12.80
C MSE A 128 9.63 -12.29 -11.77
O MSE A 128 10.80 -12.08 -12.10
CB MSE A 128 8.92 -14.05 -13.38
CG MSE A 128 9.45 -15.06 -12.37
SE MSE A 128 8.04 -15.99 -11.39
CE MSE A 128 7.31 -17.05 -12.84
N MSE A 129 9.20 -12.20 -10.51
CA MSE A 129 10.15 -12.02 -9.40
C MSE A 129 10.88 -13.34 -9.18
O MSE A 129 10.26 -14.35 -8.89
CB MSE A 129 9.40 -11.61 -8.13
CG MSE A 129 8.56 -10.34 -8.27
SE MSE A 129 9.59 -8.71 -8.52
CE MSE A 129 9.70 -8.69 -10.47
N LYS A 130 12.21 -13.33 -9.33
CA LYS A 130 12.98 -14.57 -9.21
C LYS A 130 13.62 -14.76 -7.83
N ASN A 131 13.69 -13.68 -7.05
CA ASN A 131 14.21 -13.75 -5.69
C ASN A 131 13.10 -13.69 -4.64
N ARG A 132 12.12 -12.82 -4.88
CA ARG A 132 11.00 -12.65 -3.96
C ARG A 132 9.86 -13.62 -4.29
N PRO A 133 9.53 -14.51 -3.34
CA PRO A 133 8.46 -15.49 -3.55
C PRO A 133 7.07 -14.91 -3.27
N PHE A 134 7.00 -13.84 -2.49
CA PHE A 134 5.74 -13.33 -2.00
C PHE A 134 5.87 -11.85 -1.64
N MSE A 135 4.91 -11.05 -2.06
CA MSE A 135 4.86 -9.63 -1.68
C MSE A 135 3.96 -9.46 -0.46
O MSE A 135 2.74 -9.40 -0.58
CB MSE A 135 4.40 -8.76 -2.84
CG MSE A 135 4.11 -7.31 -2.46
SE MSE A 135 5.62 -6.37 -1.65
CE MSE A 135 6.51 -5.77 -3.28
N GLY A 136 4.58 -9.37 0.71
CA GLY A 136 3.85 -9.19 1.96
C GLY A 136 4.11 -10.27 3.00
N SER A 137 3.13 -10.44 3.88
CA SER A 137 3.20 -11.38 5.00
C SER A 137 1.77 -11.96 5.10
N ILE A 138 1.50 -13.09 5.77
CA ILE A 138 2.38 -14.06 6.45
C ILE A 138 3.60 -13.61 7.25
N ALA B 1 12.32 30.45 2.90
CA ALA B 1 12.14 31.17 4.16
C ALA B 1 11.04 30.52 5.00
N HIS B 2 11.43 29.57 5.84
CA HIS B 2 10.46 28.79 6.60
C HIS B 2 10.79 28.78 8.09
N SER B 3 10.07 27.93 8.81
CA SER B 3 10.51 27.42 10.09
C SER B 3 11.08 26.04 9.77
N ALA B 4 11.11 25.13 10.74
CA ALA B 4 11.60 23.78 10.46
C ALA B 4 11.09 22.73 11.43
N ALA B 5 10.93 21.52 10.92
CA ALA B 5 10.53 20.38 11.75
C ALA B 5 11.71 19.96 12.60
N LEU B 6 11.42 19.43 13.77
CA LEU B 6 12.44 18.90 14.66
C LEU B 6 11.99 17.53 15.14
N GLU B 7 12.68 16.48 14.71
CA GLU B 7 12.25 15.12 15.00
C GLU B 7 12.47 14.73 16.45
N VAL B 8 11.39 14.35 17.12
CA VAL B 8 11.45 13.80 18.46
C VAL B 8 11.11 12.31 18.41
N LEU B 9 11.56 11.57 19.40
CA LEU B 9 11.26 10.15 19.48
C LEU B 9 9.85 9.96 20.02
N PHE B 10 9.15 8.97 19.49
CA PHE B 10 7.78 8.71 19.92
C PHE B 10 7.34 7.30 19.54
N PRO B 13 1.28 5.11 18.47
CA PRO B 13 -0.09 5.62 18.37
C PRO B 13 -0.36 6.76 19.35
N GLY B 14 -0.64 7.95 18.81
CA GLY B 14 -1.00 9.09 19.61
C GLY B 14 -2.50 9.34 19.55
N GLN B 15 -2.90 10.23 18.65
CA GLN B 15 -4.31 10.53 18.43
C GLN B 15 -4.50 11.31 17.14
N PRO B 16 -5.37 10.80 16.25
CA PRO B 16 -5.62 11.42 14.94
C PRO B 16 -6.14 12.84 15.07
N GLY B 17 -5.77 13.69 14.11
CA GLY B 17 -6.24 15.06 14.08
C GLY B 17 -6.89 15.35 12.73
N PHE B 18 -6.06 15.40 11.69
CA PHE B 18 -6.58 15.51 10.33
C PHE B 18 -5.63 14.86 9.32
N CYS B 19 -6.09 14.73 8.08
CA CYS B 19 -5.36 14.00 7.06
C CYS B 19 -5.10 14.86 5.83
N ILE B 20 -3.85 14.85 5.37
CA ILE B 20 -3.45 15.62 4.20
C ILE B 20 -3.20 14.70 3.01
N LYS B 21 -3.71 15.05 1.84
CA LYS B 21 -3.47 14.27 0.64
C LYS B 21 -2.52 14.99 -0.32
N THR B 22 -1.42 14.32 -0.64
CA THR B 22 -0.46 14.81 -1.62
C THR B 22 0.10 13.61 -2.38
N ASN B 23 1.18 13.80 -3.12
CA ASN B 23 1.72 12.70 -3.92
C ASN B 23 3.21 12.83 -4.23
N SER B 24 3.83 11.68 -4.49
CA SER B 24 5.18 11.63 -5.00
C SER B 24 5.09 11.52 -6.52
N SER B 25 6.15 11.01 -7.14
CA SER B 25 6.11 10.73 -8.57
C SER B 25 5.51 9.35 -8.81
N GLU B 26 5.67 8.47 -7.82
CA GLU B 26 5.15 7.12 -7.89
C GLU B 26 3.64 7.08 -7.66
N GLY B 27 3.17 7.70 -6.59
CA GLY B 27 1.75 7.68 -6.28
C GLY B 27 1.30 8.56 -5.12
N LYS B 28 0.10 8.27 -4.63
CA LYS B 28 -0.52 9.05 -3.57
C LYS B 28 0.22 8.94 -2.24
N VAL B 29 0.35 10.07 -1.55
CA VAL B 29 0.92 10.09 -0.22
C VAL B 29 -0.01 10.82 0.75
N PHE B 30 -0.28 10.19 1.89
CA PHE B 30 -1.13 10.80 2.90
C PHE B 30 -0.34 11.10 4.16
N ILE B 31 -0.41 12.36 4.61
CA ILE B 31 0.19 12.73 5.87
C ILE B 31 -0.90 12.84 6.93
N ASN B 32 -0.81 11.98 7.94
CA ASN B 32 -1.74 12.02 9.06
C ASN B 32 -1.19 12.91 10.17
N ILE B 33 -1.75 14.10 10.30
CA ILE B 33 -1.36 14.99 11.38
C ILE B 33 -2.01 14.52 12.67
N CYS B 34 -1.19 13.95 13.56
CA CYS B 34 -1.68 13.43 14.83
C CYS B 34 -1.16 14.27 15.98
N HIS B 35 -1.62 13.97 17.20
CA HIS B 35 -1.15 14.70 18.36
C HIS B 35 -1.08 13.87 19.64
N SER B 36 -0.19 14.26 20.53
CA SER B 36 0.00 13.60 21.81
C SER B 36 0.60 14.57 22.83
N PRO B 37 0.15 14.50 24.08
CA PRO B 37 0.70 15.35 25.14
C PRO B 37 2.10 14.88 25.56
N SER B 38 2.50 13.71 25.08
CA SER B 38 3.82 13.17 25.38
C SER B 38 4.89 13.87 24.54
N ILE B 39 4.46 14.54 23.49
CA ILE B 39 5.36 15.25 22.60
C ILE B 39 5.48 16.71 23.00
N PRO B 40 6.73 17.21 23.17
CA PRO B 40 6.96 18.59 23.59
C PRO B 40 6.40 19.60 22.60
N PRO B 41 5.83 20.70 23.13
CA PRO B 41 5.41 21.83 22.30
C PRO B 41 6.63 22.65 21.93
N PRO B 42 6.52 23.54 20.93
CA PRO B 42 7.63 24.44 20.60
C PRO B 42 8.04 25.24 21.82
N ALA B 43 9.34 25.45 22.00
CA ALA B 43 9.84 26.18 23.16
C ALA B 43 9.45 27.64 23.08
N ASP B 44 9.30 28.26 24.25
CA ASP B 44 9.00 29.68 24.33
C ASP B 44 10.11 30.48 23.67
N VAL B 45 9.73 31.44 22.84
CA VAL B 45 10.71 32.22 22.07
C VAL B 45 10.94 33.60 22.69
N THR B 46 12.22 33.96 22.81
CA THR B 46 12.62 35.22 23.42
C THR B 46 12.45 36.37 22.44
N GLU B 47 12.95 36.17 21.22
CA GLU B 47 12.87 37.18 20.17
C GLU B 47 12.12 36.64 18.95
N PHE B 61 10.86 29.72 13.61
CA PHE B 61 10.35 28.80 14.62
C PHE B 61 10.88 27.39 14.39
N ARG B 62 10.72 26.53 15.39
CA ARG B 62 11.11 25.13 15.28
C ARG B 62 10.09 24.25 15.98
N ILE B 63 9.36 23.45 15.20
CA ILE B 63 8.27 22.64 15.73
C ILE B 63 8.70 21.20 15.97
N PRO B 64 8.61 20.74 17.22
CA PRO B 64 8.91 19.34 17.58
C PRO B 64 7.84 18.41 17.05
N MSE B 65 8.25 17.35 16.35
CA MSE B 65 7.28 16.40 15.80
C MSE B 65 7.92 15.06 15.46
O MSE B 65 9.03 15.00 14.94
CB MSE B 65 6.59 16.98 14.57
CG MSE B 65 7.54 17.34 13.43
SE MSE B 65 6.63 17.92 11.80
CE MSE B 65 5.98 19.65 12.39
N SER B 66 7.21 13.97 15.76
CA SER B 66 7.63 12.65 15.36
C SER B 66 7.37 12.48 13.87
N LEU B 67 8.23 11.72 13.20
CA LEU B 67 8.06 11.44 11.78
C LEU B 67 7.93 9.94 11.58
N GLY B 68 6.69 9.45 11.61
CA GLY B 68 6.41 8.03 11.56
C GLY B 68 6.91 7.33 10.31
N GLU B 69 7.15 6.03 10.44
CA GLU B 69 7.54 5.21 9.31
C GLU B 69 6.40 5.08 8.33
N PRO B 70 6.71 4.95 7.03
CA PRO B 70 5.65 4.77 6.04
C PRO B 70 4.89 3.46 6.26
N HIS B 71 3.58 3.51 6.09
CA HIS B 71 2.78 2.29 6.11
C HIS B 71 1.79 2.30 4.95
N ALA B 72 1.75 1.19 4.21
CA ALA B 72 0.90 1.10 3.04
C ALA B 72 -0.56 0.93 3.43
N GLU B 73 -1.42 1.69 2.76
CA GLU B 73 -2.86 1.60 2.97
C GLU B 73 -3.57 1.55 1.62
N LEU B 74 -4.82 1.12 1.63
CA LEU B 74 -5.60 1.06 0.41
C LEU B 74 -6.44 2.33 0.23
N ASP B 75 -6.44 2.87 -0.99
CA ASP B 75 -7.31 4.02 -1.27
C ASP B 75 -8.76 3.55 -1.45
N ALA B 76 -9.63 4.47 -1.81
CA ALA B 76 -11.05 4.14 -1.98
C ALA B 76 -11.26 3.18 -3.15
N LYS B 77 -10.34 3.20 -4.10
CA LYS B 77 -10.45 2.34 -5.28
C LYS B 77 -9.75 1.00 -5.08
N GLY B 78 -9.28 0.76 -3.85
CA GLY B 78 -8.65 -0.50 -3.51
C GLY B 78 -7.21 -0.58 -3.97
N GLN B 79 -6.60 0.58 -4.23
CA GLN B 79 -5.22 0.64 -4.69
C GLN B 79 -4.31 1.10 -3.57
N GLY B 80 -3.12 0.49 -3.48
CA GLY B 80 -2.18 0.79 -2.42
C GLY B 80 -1.57 2.16 -2.52
N CYS B 81 -1.47 2.84 -1.38
CA CYS B 81 -0.83 4.15 -1.32
C CYS B 81 0.04 4.22 -0.06
N THR B 82 0.69 5.36 0.14
CA THR B 82 1.61 5.52 1.26
C THR B 82 1.07 6.53 2.28
N ALA B 83 1.22 6.21 3.55
CA ALA B 83 0.78 7.10 4.61
C ALA B 83 1.85 7.29 5.69
N TYR B 84 2.02 8.54 6.12
CA TYR B 84 2.97 8.86 7.17
C TYR B 84 2.24 9.53 8.34
N ASP B 85 2.47 9.04 9.55
CA ASP B 85 1.88 9.64 10.74
C ASP B 85 2.84 10.63 11.37
N VAL B 86 2.46 11.91 11.35
CA VAL B 86 3.28 12.96 11.94
C VAL B 86 2.59 13.52 13.18
N ALA B 87 3.17 13.28 14.35
CA ALA B 87 2.54 13.67 15.60
C ALA B 87 3.15 14.94 16.22
N VAL B 88 2.28 15.77 16.78
CA VAL B 88 2.64 17.08 17.28
C VAL B 88 2.05 17.23 18.69
N ASN B 89 2.53 18.19 19.48
CA ASN B 89 1.96 18.41 20.81
C ASN B 89 0.46 18.68 20.79
N SER B 90 -0.27 18.08 21.72
CA SER B 90 -1.73 18.18 21.76
C SER B 90 -2.22 19.62 21.99
N ASP B 91 -1.60 20.31 22.93
CA ASP B 91 -1.97 21.71 23.20
C ASP B 91 -1.59 22.61 22.03
N PHE B 92 -0.47 22.30 21.38
CA PHE B 92 -0.06 23.04 20.20
C PHE B 92 -1.00 22.75 19.04
N TYR B 93 -1.52 21.52 18.99
CA TYR B 93 -2.46 21.13 17.95
C TYR B 93 -3.75 21.94 18.06
N ARG B 94 -4.15 22.26 19.28
CA ARG B 94 -5.33 23.11 19.51
C ARG B 94 -5.11 24.48 18.87
N ARG B 95 -3.92 25.03 19.08
CA ARG B 95 -3.57 26.32 18.49
C ARG B 95 -3.57 26.24 16.97
N MSE B 96 -3.33 25.05 16.43
CA MSE B 96 -3.37 24.82 14.99
C MSE B 96 -4.81 24.81 14.47
O MSE B 96 -5.08 25.33 13.38
CB MSE B 96 -2.69 23.51 14.63
CG MSE B 96 -1.18 23.53 14.78
SE MSE B 96 -0.38 21.78 14.42
CE MSE B 96 -1.21 21.42 12.69
N GLN B 97 -5.72 24.23 15.24
CA GLN B 97 -7.11 24.12 14.84
C GLN B 97 -7.76 25.48 14.65
N ASN B 98 -7.38 26.44 15.49
CA ASN B 98 -7.96 27.77 15.48
C ASN B 98 -7.06 28.80 14.78
N SER B 99 -6.23 28.32 13.86
CA SER B 99 -5.33 29.19 13.12
C SER B 99 -4.95 28.59 11.77
N ASP B 100 -5.48 29.16 10.70
CA ASP B 100 -5.21 28.69 9.34
C ASP B 100 -3.74 28.85 8.99
N PHE B 101 -3.16 29.97 9.37
CA PHE B 101 -1.76 30.27 9.10
C PHE B 101 -0.84 29.24 9.76
N LEU B 102 -1.17 28.88 11.00
CA LEU B 102 -0.40 27.90 11.74
C LEU B 102 -0.50 26.51 11.12
N ARG B 103 -1.73 26.10 10.82
CA ARG B 103 -1.97 24.79 10.22
C ARG B 103 -1.20 24.61 8.93
N GLU B 104 -1.50 25.46 7.95
CA GLU B 104 -0.86 25.41 6.65
C GLU B 104 0.66 25.42 6.72
N LEU B 105 1.19 26.19 7.67
CA LEU B 105 2.63 26.23 7.88
C LEU B 105 3.14 24.88 8.36
N VAL B 106 2.45 24.30 9.35
CA VAL B 106 2.85 23.02 9.93
C VAL B 106 2.75 21.88 8.91
N ILE B 107 1.74 21.95 8.04
CA ILE B 107 1.60 20.97 6.97
C ILE B 107 2.84 20.96 6.11
N THR B 108 3.19 22.14 5.61
CA THR B 108 4.38 22.35 4.80
C THR B 108 5.63 21.90 5.54
N ILE B 109 5.70 22.21 6.83
CA ILE B 109 6.85 21.84 7.65
C ILE B 109 6.98 20.33 7.81
N ALA B 110 5.87 19.67 8.14
CA ALA B 110 5.86 18.22 8.29
C ALA B 110 6.21 17.54 6.98
N ARG B 111 5.68 18.07 5.88
CA ARG B 111 5.93 17.53 4.55
C ARG B 111 7.41 17.50 4.23
N GLU B 112 8.08 18.62 4.49
CA GLU B 112 9.51 18.75 4.22
C GLU B 112 10.34 17.94 5.20
N GLY B 113 9.78 17.70 6.39
CA GLY B 113 10.43 16.83 7.37
C GLY B 113 10.46 15.41 6.87
N LEU B 114 9.39 15.00 6.18
CA LEU B 114 9.29 13.67 5.60
C LEU B 114 10.19 13.53 4.38
N GLU B 115 10.24 14.59 3.57
CA GLU B 115 11.11 14.62 2.40
C GLU B 115 12.56 14.44 2.81
N ASP B 116 12.95 15.11 3.89
CA ASP B 116 14.34 15.06 4.35
C ASP B 116 14.70 13.69 4.93
N LYS B 117 13.81 13.15 5.77
CA LYS B 117 14.09 11.90 6.45
C LYS B 117 14.13 10.69 5.51
N TYR B 118 13.18 10.63 4.58
CA TYR B 118 13.04 9.45 3.73
C TYR B 118 13.43 9.67 2.26
N ASN B 119 13.98 10.85 1.96
CA ASN B 119 14.38 11.20 0.60
C ASN B 119 13.23 11.12 -0.40
N LEU B 120 12.20 11.95 -0.18
CA LEU B 120 11.04 11.97 -1.07
C LEU B 120 10.88 13.34 -1.71
N GLN B 121 10.19 13.39 -2.83
CA GLN B 121 9.79 14.66 -3.44
C GLN B 121 8.28 14.72 -3.50
N LEU B 122 7.68 15.30 -2.45
CA LEU B 122 6.23 15.35 -2.33
C LEU B 122 5.67 16.62 -2.96
N ASN B 123 4.44 16.52 -3.48
CA ASN B 123 3.77 17.66 -4.10
C ASN B 123 3.45 18.75 -3.08
N PRO B 124 3.96 19.97 -3.32
CA PRO B 124 3.67 21.13 -2.48
C PRO B 124 2.19 21.47 -2.46
N GLU B 125 1.52 21.32 -3.60
CA GLU B 125 0.09 21.60 -3.69
C GLU B 125 -0.75 20.49 -3.09
N TRP B 126 -0.69 20.37 -1.77
CA TRP B 126 -1.45 19.33 -1.06
C TRP B 126 -2.93 19.65 -1.00
N ARG B 127 -3.71 18.71 -0.50
CA ARG B 127 -5.15 18.89 -0.37
C ARG B 127 -5.64 18.32 0.96
N MSE B 128 -6.41 19.12 1.70
CA MSE B 128 -6.92 18.73 3.00
C MSE B 128 -8.15 17.82 2.89
O MSE B 128 -9.11 18.14 2.18
CB MSE B 128 -7.27 19.97 3.83
CG MSE B 128 -8.21 19.71 5.00
SE MSE B 128 -7.29 19.15 6.62
CE MSE B 128 -6.42 20.83 7.07
N MSE B 129 -8.12 16.70 3.60
CA MSE B 129 -9.27 15.82 3.69
C MSE B 129 -10.25 16.39 4.71
O MSE B 129 -9.89 16.57 5.88
CB MSE B 129 -8.84 14.40 4.08
CG MSE B 129 -7.84 13.75 3.14
SE MSE B 129 -8.61 13.16 1.44
CE MSE B 129 -8.32 14.77 0.37
N LYS B 130 -11.48 16.64 4.28
CA LYS B 130 -12.48 17.27 5.15
C LYS B 130 -13.31 16.26 5.93
N ASN B 131 -13.35 15.02 5.44
CA ASN B 131 -14.15 13.97 6.05
C ASN B 131 -13.30 12.89 6.72
N ARG B 132 -12.25 12.45 6.04
CA ARG B 132 -11.33 11.46 6.61
C ARG B 132 -10.27 12.12 7.49
N PRO B 133 -10.27 11.77 8.79
CA PRO B 133 -9.31 12.33 9.75
C PRO B 133 -7.98 11.59 9.74
N PHE B 134 -7.99 10.38 9.20
CA PHE B 134 -6.81 9.51 9.25
C PHE B 134 -6.84 8.46 8.15
N MSE B 135 -5.73 8.29 7.46
CA MSE B 135 -5.60 7.23 6.46
C MSE B 135 -4.91 6.01 7.06
O MSE B 135 -3.69 6.02 7.28
CB MSE B 135 -4.85 7.73 5.23
CG MSE B 135 -4.43 6.63 4.25
SE MSE B 135 -5.93 5.62 3.50
CE MSE B 135 -6.45 6.87 2.08
N GLY B 136 -5.68 4.97 7.33
CA GLY B 136 -5.16 3.76 7.94
C GLY B 136 -5.90 3.41 9.21
N SER B 137 -5.31 2.53 10.01
CA SER B 137 -5.92 2.10 11.26
C SER B 137 -5.07 2.48 12.47
N ILE B 138 -5.68 2.43 13.65
CA ILE B 138 -5.02 2.79 14.90
C ILE B 138 -4.52 4.24 14.88
N ALA C 1 19.63 -7.88 -15.49
CA ALA C 1 19.52 -6.82 -14.50
C ALA C 1 18.24 -6.94 -13.69
N LEU C 2 18.38 -6.95 -12.36
CA LEU C 2 17.26 -7.15 -11.45
C LEU C 2 16.12 -6.14 -11.63
N ASP C 3 14.93 -6.54 -11.21
CA ASP C 3 13.83 -5.61 -11.05
C ASP C 3 14.05 -4.88 -9.73
N SEP C 4 13.50 -3.69 -9.60
CA SEP C 4 13.72 -2.87 -8.41
CB SEP C 4 13.10 -1.47 -8.61
OG SEP C 4 11.73 -1.58 -8.92
C SEP C 4 13.15 -3.51 -7.15
O SEP C 4 13.61 -3.21 -6.04
P SEP C 4 11.20 -0.21 -9.58
O1P SEP C 4 12.30 0.32 -10.64
O2P SEP C 4 9.81 -0.48 -10.32
O3P SEP C 4 11.00 0.90 -8.43
N ASP C 5 12.17 -4.38 -7.31
CA ASP C 5 11.50 -5.01 -6.17
C ASP C 5 11.82 -6.49 -6.05
N ASP C 6 12.70 -6.99 -6.91
CA ASP C 6 13.02 -8.41 -6.94
C ASP C 6 14.08 -8.77 -5.89
N GLU C 7 13.69 -8.75 -4.62
CA GLU C 7 14.60 -9.15 -3.55
C GLU C 7 13.94 -10.08 -2.54
N PHE C 8 14.69 -11.06 -2.07
CA PHE C 8 14.19 -12.09 -1.16
C PHE C 8 13.73 -11.50 0.17
N VAL C 9 12.48 -11.77 0.52
CA VAL C 9 11.95 -11.42 1.84
C VAL C 9 11.23 -12.62 2.44
N PRO C 10 11.75 -13.13 3.57
CA PRO C 10 11.20 -14.31 4.25
C PRO C 10 9.83 -14.06 4.85
N TYR C 11 8.79 -14.19 4.01
CA TYR C 11 7.39 -14.00 4.39
C TYR C 11 7.03 -14.51 5.78
N LEU D 2 -15.88 16.99 -4.19
CA LEU D 2 -15.22 16.02 -3.33
C LEU D 2 -13.97 15.43 -3.98
N ASP D 3 -13.03 15.03 -3.13
CA ASP D 3 -11.84 14.29 -3.56
C ASP D 3 -12.16 12.79 -3.54
N SEP D 4 -11.58 12.06 -4.49
CA SEP D 4 -11.83 10.62 -4.65
CB SEP D 4 -10.97 10.10 -5.79
OG SEP D 4 -9.58 10.19 -5.49
C SEP D 4 -11.61 9.78 -3.38
O SEP D 4 -12.14 8.66 -3.26
P SEP D 4 -8.72 9.93 -6.82
O1P SEP D 4 -9.41 10.67 -8.06
O2P SEP D 4 -7.22 10.52 -6.66
O3P SEP D 4 -8.62 8.36 -7.14
N ASP D 5 -10.89 10.33 -2.41
CA ASP D 5 -10.55 9.59 -1.19
C ASP D 5 -11.09 10.26 0.09
N ASP D 6 -11.80 11.38 -0.04
CA ASP D 6 -12.26 12.12 1.13
C ASP D 6 -13.58 11.57 1.69
N GLU D 7 -13.51 10.39 2.32
CA GLU D 7 -14.66 9.80 2.98
C GLU D 7 -14.33 9.37 4.41
N PHE D 8 -15.26 9.62 5.32
CA PHE D 8 -15.06 9.32 6.72
C PHE D 8 -14.93 7.83 6.98
N VAL D 9 -13.95 7.48 7.81
CA VAL D 9 -13.76 6.11 8.27
C VAL D 9 -13.35 6.15 9.73
N PRO D 10 -14.02 5.37 10.59
CA PRO D 10 -13.67 5.28 12.00
C PRO D 10 -12.23 4.82 12.17
N TYR D 11 -11.37 5.67 12.74
CA TYR D 11 -9.96 5.33 12.88
C TYR D 11 -9.72 4.25 13.93
#